data_4EJ6
#
_entry.id   4EJ6
#
_cell.length_a   107.607
_cell.length_b   107.607
_cell.length_c   137.160
_cell.angle_alpha   90.000
_cell.angle_beta   90.000
_cell.angle_gamma   90.000
#
_symmetry.space_group_name_H-M   'I 4 2 2'
#
loop_
_entity.id
_entity.type
_entity.pdbx_description
1 polymer 'Putative zinc-binding dehydrogenase'
2 non-polymer 1,2-ETHANEDIOL
3 non-polymer 'ZINC ION'
4 non-polymer 'CHLORIDE ION'
5 water water
#
_entity_poly.entity_id   1
_entity_poly.type   'polypeptide(L)'
_entity_poly.pdbx_seq_one_letter_code
;(MSE)HHHHHHSSGVDLGTENLYFQS(MSE)(MSE)KAVRLESVGNISVRNVGIPEPGPDDLLVKVEACGICGTDRHLLH
GEFPSTPPVTLGHEFCGIVVEAGSAVRDIAPGARITGDPNISCGRCPQCQAGRVNLCRNLRAIGIHRDGGFAEYVLVPRK
QAFEIPLTLDPVHGAFCEPLACCLHGVDLSGIKAGSTVAILGGGVIGLLTVQLARLAGATTVILSTRQATKRRLAEEVGA
TATVDPSAGDVVEAIAGPVGLVPGGVDVVIECAGVAETVKQSTRLAKAGGTVVILGVLPQGEKVEIEPFDILFRELRVLG
SFINPFVHRRAADLVATGAIEIDR(MSE)ISRRISLDEAPDVISNPAAAGEVKVLVIPSAERVAQQ
;
_entity_poly.pdbx_strand_id   A
#
loop_
_chem_comp.id
_chem_comp.type
_chem_comp.name
_chem_comp.formula
CL non-polymer 'CHLORIDE ION' 'Cl -1'
EDO non-polymer 1,2-ETHANEDIOL 'C2 H6 O2'
ZN non-polymer 'ZINC ION' 'Zn 2'
#
# COMPACT_ATOMS: atom_id res chain seq x y z
N GLN A 21 9.95 35.20 -6.41
CA GLN A 21 9.44 34.00 -5.69
C GLN A 21 9.21 32.82 -6.67
N SER A 22 9.87 31.68 -6.43
CA SER A 22 9.75 30.53 -7.34
C SER A 22 8.53 29.66 -6.97
N MSE A 23 7.75 29.29 -7.99
CA MSE A 23 6.47 28.64 -7.80
C MSE A 23 6.50 27.23 -8.32
O MSE A 23 7.40 26.87 -9.09
CB MSE A 23 5.42 29.44 -8.59
CG MSE A 23 5.33 30.91 -8.15
SE MSE A 23 4.88 31.01 -6.24
CE MSE A 23 2.99 30.49 -6.44
N MSE A 24 5.52 26.44 -7.91
CA MSE A 24 5.29 25.09 -8.42
C MSE A 24 3.82 24.78 -8.43
O MSE A 24 3.03 25.41 -7.71
CB MSE A 24 6.01 24.07 -7.55
CG MSE A 24 5.50 24.06 -6.10
SE MSE A 24 6.37 22.58 -5.11
CE MSE A 24 5.20 22.56 -3.52
N LYS A 25 3.43 23.80 -9.24
CA LYS A 25 2.10 23.19 -9.16
C LYS A 25 2.00 22.15 -8.02
N ALA A 26 0.81 22.05 -7.45
CA ALA A 26 0.51 21.13 -6.35
C ALA A 26 -0.99 20.82 -6.34
N VAL A 27 -1.33 19.55 -6.10
CA VAL A 27 -2.74 19.13 -6.03
C VAL A 27 -3.19 19.28 -4.58
N ARG A 28 -4.04 20.29 -4.35
CA ARG A 28 -4.40 20.68 -2.98
C ARG A 28 -5.78 20.22 -2.64
N LEU A 29 -5.94 19.59 -1.48
CA LEU A 29 -7.25 19.37 -0.91
C LEU A 29 -7.52 20.61 -0.07
N GLU A 30 -8.35 21.51 -0.58
CA GLU A 30 -8.63 22.81 0.09
C GLU A 30 -9.47 22.63 1.33
N SER A 31 -10.45 21.74 1.22
CA SER A 31 -11.33 21.34 2.31
C SER A 31 -12.05 20.09 1.82
N VAL A 32 -12.75 19.42 2.72
CA VAL A 32 -13.46 18.20 2.34
C VAL A 32 -14.27 18.47 1.06
N GLY A 33 -14.06 17.61 0.06
CA GLY A 33 -14.73 17.72 -1.23
C GLY A 33 -14.13 18.64 -2.27
N ASN A 34 -13.15 19.44 -1.86
CA ASN A 34 -12.60 20.49 -2.72
C ASN A 34 -11.11 20.27 -3.07
N ILE A 35 -10.86 19.85 -4.30
CA ILE A 35 -9.52 19.48 -4.74
C ILE A 35 -9.25 20.06 -6.11
N SER A 36 -8.06 20.65 -6.27
CA SER A 36 -7.65 21.27 -7.52
C SER A 36 -6.13 21.53 -7.51
N VAL A 37 -5.58 21.77 -8.69
CA VAL A 37 -4.19 22.16 -8.85
C VAL A 37 -4.05 23.65 -8.58
N ARG A 38 -3.10 24.01 -7.72
CA ARG A 38 -2.79 25.40 -7.39
C ARG A 38 -1.32 25.68 -7.55
N ASN A 39 -1.00 26.96 -7.74
CA ASN A 39 0.35 27.44 -7.69
C ASN A 39 0.67 27.81 -6.26
N VAL A 40 1.71 27.20 -5.73
CA VAL A 40 2.15 27.45 -4.36
C VAL A 40 3.66 27.67 -4.40
N GLY A 41 4.22 28.19 -3.31
CA GLY A 41 5.65 28.39 -3.21
C GLY A 41 6.39 27.08 -3.11
N ILE A 42 7.58 27.03 -3.70
CA ILE A 42 8.45 25.88 -3.51
C ILE A 42 8.91 25.94 -2.05
N PRO A 43 8.66 24.87 -1.27
CA PRO A 43 8.97 24.94 0.16
C PRO A 43 10.46 25.00 0.48
N GLU A 44 10.82 25.60 1.62
CA GLU A 44 12.21 25.74 2.02
C GLU A 44 12.46 24.76 3.15
N PRO A 45 13.50 23.93 3.03
CA PRO A 45 13.69 22.89 4.03
C PRO A 45 14.17 23.42 5.38
N GLY A 46 13.65 22.84 6.46
CA GLY A 46 14.21 23.08 7.78
C GLY A 46 15.54 22.34 7.92
N PRO A 47 16.16 22.44 9.10
CA PRO A 47 17.49 21.89 9.30
C PRO A 47 17.62 20.38 9.10
N ASP A 48 16.54 19.63 9.35
CA ASP A 48 16.56 18.17 9.19
C ASP A 48 15.70 17.69 8.01
N ASP A 49 15.35 18.60 7.11
CA ASP A 49 14.58 18.26 5.91
C ASP A 49 15.43 18.11 4.67
N LEU A 50 14.93 17.29 3.74
CA LEU A 50 15.35 17.27 2.36
C LEU A 50 14.23 17.86 1.52
N LEU A 51 14.60 18.65 0.51
CA LEU A 51 13.66 19.07 -0.51
C LEU A 51 13.87 18.13 -1.71
N VAL A 52 12.80 17.49 -2.16
CA VAL A 52 12.89 16.42 -3.14
C VAL A 52 12.08 16.84 -4.35
N LYS A 53 12.70 16.78 -5.52
CA LYS A 53 11.98 16.98 -6.75
C LYS A 53 11.31 15.66 -7.12
N VAL A 54 9.98 15.65 -7.15
CA VAL A 54 9.21 14.40 -7.26
C VAL A 54 9.30 13.83 -8.68
N GLU A 55 9.65 12.55 -8.79
CA GLU A 55 9.71 11.87 -10.08
C GLU A 55 8.38 11.17 -10.34
N ALA A 56 7.73 10.65 -9.29
CA ALA A 56 6.42 10.04 -9.40
C ALA A 56 5.74 9.96 -8.03
N CYS A 57 4.41 10.07 -8.03
CA CYS A 57 3.59 9.83 -6.81
C CYS A 57 2.33 9.09 -7.19
N GLY A 58 2.15 7.93 -6.57
CA GLY A 58 0.99 7.12 -6.80
C GLY A 58 -0.26 7.62 -6.14
N ILE A 59 -1.38 7.33 -6.79
CA ILE A 59 -2.71 7.55 -6.23
C ILE A 59 -3.18 6.30 -5.52
N CYS A 60 -3.65 6.49 -4.28
CA CYS A 60 -4.14 5.43 -3.41
C CYS A 60 -5.67 5.56 -3.27
N GLY A 61 -6.34 4.44 -3.01
CA GLY A 61 -7.75 4.47 -2.59
C GLY A 61 -8.00 5.38 -1.40
N THR A 62 -7.03 5.45 -0.50
CA THR A 62 -7.06 6.35 0.67
C THR A 62 -7.21 7.82 0.25
N ASP A 63 -6.68 8.18 -0.93
CA ASP A 63 -6.77 9.57 -1.39
C ASP A 63 -8.21 9.96 -1.72
N ARG A 64 -9.00 9.01 -2.23
CA ARG A 64 -10.41 9.27 -2.51
C ARG A 64 -11.20 9.42 -1.21
N HIS A 65 -10.87 8.62 -0.21
CA HIS A 65 -11.48 8.74 1.12
C HIS A 65 -11.13 10.02 1.82
N LEU A 66 -9.88 10.44 1.67
CA LEU A 66 -9.43 11.70 2.25
C LEU A 66 -10.22 12.87 1.65
N LEU A 67 -10.39 12.83 0.33
CA LEU A 67 -11.11 13.87 -0.39
C LEU A 67 -12.54 14.01 0.15
N HIS A 68 -13.19 12.88 0.43
CA HIS A 68 -14.59 12.89 0.84
C HIS A 68 -14.76 12.94 2.33
N GLY A 69 -13.68 13.17 3.07
CA GLY A 69 -13.72 13.27 4.54
C GLY A 69 -13.92 11.96 5.28
N GLU A 70 -13.76 10.83 4.59
CA GLU A 70 -13.96 9.52 5.22
C GLU A 70 -12.76 9.10 6.09
N PHE A 71 -11.56 9.60 5.77
CA PHE A 71 -10.45 9.58 6.72
C PHE A 71 -10.16 11.04 7.04
N PRO A 72 -9.68 11.32 8.24
CA PRO A 72 -9.37 12.71 8.59
C PRO A 72 -8.07 13.23 7.97
N SER A 73 -7.99 14.55 7.81
CA SER A 73 -6.79 15.21 7.27
C SER A 73 -6.73 16.61 7.85
N THR A 74 -5.70 17.38 7.50
CA THR A 74 -5.58 18.77 7.97
C THR A 74 -5.52 19.73 6.78
N PRO A 75 -6.68 19.97 6.11
CA PRO A 75 -6.69 20.87 4.97
C PRO A 75 -6.52 22.33 5.38
N PRO A 76 -6.02 23.18 4.47
CA PRO A 76 -5.61 22.86 3.10
C PRO A 76 -4.25 22.13 3.08
N VAL A 77 -4.14 21.10 2.24
CA VAL A 77 -2.97 20.24 2.24
C VAL A 77 -2.77 19.61 0.86
N THR A 78 -1.52 19.44 0.48
CA THR A 78 -1.17 18.75 -0.76
C THR A 78 -1.21 17.26 -0.51
N LEU A 79 -2.02 16.54 -1.28
CA LEU A 79 -2.12 15.09 -1.15
C LEU A 79 -0.90 14.40 -1.79
N GLY A 80 -0.83 13.08 -1.63
CA GLY A 80 0.24 12.25 -2.21
C GLY A 80 1.20 11.68 -1.18
N HIS A 81 1.12 10.37 -0.94
CA HIS A 81 2.00 9.73 0.03
C HIS A 81 2.74 8.50 -0.49
N GLU A 82 2.85 8.33 -1.82
CA GLU A 82 3.55 7.17 -2.40
C GLU A 82 4.55 7.67 -3.44
N PHE A 83 5.69 8.22 -3.01
CA PHE A 83 6.50 9.04 -3.89
C PHE A 83 7.98 8.72 -3.80
N CYS A 84 8.69 9.07 -4.87
CA CYS A 84 10.13 9.10 -4.88
C CYS A 84 10.59 10.31 -5.68
N GLY A 85 11.87 10.62 -5.54
CA GLY A 85 12.44 11.76 -6.27
C GLY A 85 13.91 12.04 -5.97
N ILE A 86 14.42 13.11 -6.58
CA ILE A 86 15.83 13.50 -6.45
C ILE A 86 15.96 14.65 -5.44
N VAL A 87 16.85 14.49 -4.47
CA VAL A 87 17.12 15.54 -3.49
C VAL A 87 17.73 16.74 -4.22
N VAL A 88 17.15 17.92 -4.03
CA VAL A 88 17.70 19.15 -4.62
C VAL A 88 18.22 20.13 -3.56
N GLU A 89 17.87 19.91 -2.30
CA GLU A 89 18.40 20.75 -1.25
C GLU A 89 18.36 19.94 0.04
N ALA A 90 19.39 20.11 0.87
CA ALA A 90 19.42 19.50 2.19
C ALA A 90 19.44 20.62 3.24
N GLY A 91 18.67 20.43 4.31
CA GLY A 91 18.75 21.31 5.47
C GLY A 91 20.12 21.31 6.14
N SER A 92 20.40 22.37 6.90
CA SER A 92 21.71 22.55 7.56
C SER A 92 22.19 21.36 8.40
N ALA A 93 21.27 20.67 9.07
CA ALA A 93 21.62 19.56 9.98
C ALA A 93 21.73 18.22 9.28
N VAL A 94 21.42 18.17 7.98
CA VAL A 94 21.56 16.94 7.20
C VAL A 94 22.94 16.87 6.52
N ARG A 95 23.76 15.91 6.95
CA ARG A 95 25.12 15.72 6.42
C ARG A 95 25.25 14.42 5.62
N ASP A 96 24.16 13.65 5.59
CA ASP A 96 24.14 12.23 5.29
C ASP A 96 23.69 11.90 3.86
N ILE A 97 22.77 12.68 3.35
CA ILE A 97 22.20 12.48 2.03
C ILE A 97 22.37 13.83 1.36
N ALA A 98 22.93 13.85 0.17
CA ALA A 98 23.22 15.10 -0.53
C ALA A 98 22.34 15.26 -1.76
N PRO A 99 22.12 16.50 -2.21
CA PRO A 99 21.46 16.75 -3.48
C PRO A 99 22.04 15.89 -4.57
N GLY A 100 21.19 15.40 -5.47
CA GLY A 100 21.57 14.41 -6.47
C GLY A 100 21.12 13.00 -6.10
N ALA A 101 21.05 12.67 -4.81
CA ALA A 101 20.60 11.34 -4.36
C ALA A 101 19.13 11.11 -4.70
N ARG A 102 18.76 9.87 -5.02
CA ARG A 102 17.35 9.53 -5.12
C ARG A 102 16.86 8.94 -3.79
N ILE A 103 15.67 9.34 -3.36
CA ILE A 103 15.03 8.76 -2.18
C ILE A 103 13.57 8.37 -2.43
N THR A 104 13.07 7.42 -1.63
CA THR A 104 11.66 7.15 -1.50
C THR A 104 11.29 7.64 -0.11
N GLY A 105 10.08 8.17 0.06
CA GLY A 105 9.67 8.68 1.37
C GLY A 105 8.78 7.71 2.11
N ASP A 106 9.06 7.53 3.41
CA ASP A 106 8.09 6.90 4.31
C ASP A 106 7.21 8.03 4.82
N PRO A 107 5.92 8.03 4.43
CA PRO A 107 5.07 9.17 4.75
C PRO A 107 4.71 9.25 6.24
N ASN A 108 4.90 8.16 6.97
CA ASN A 108 4.36 8.03 8.33
C ASN A 108 5.36 8.49 9.36
N ILE A 109 5.08 9.65 9.98
CA ILE A 109 5.96 10.24 10.96
C ILE A 109 5.46 9.93 12.37
N SER A 110 6.24 9.17 13.11
CA SER A 110 5.87 8.80 14.49
C SER A 110 6.50 9.79 15.44
N CYS A 111 5.93 9.93 16.63
CA CYS A 111 6.36 10.99 17.51
C CYS A 111 7.57 10.62 18.37
N GLY A 112 7.77 9.33 18.65
CA GLY A 112 8.91 8.88 19.45
C GLY A 112 8.74 9.09 20.96
N ARG A 113 7.61 9.63 21.39
CA ARG A 113 7.45 9.97 22.81
C ARG A 113 6.22 9.38 23.48
N CYS A 114 5.33 8.78 22.71
CA CYS A 114 4.12 8.17 23.26
C CYS A 114 4.34 6.70 23.58
N PRO A 115 3.41 6.10 24.35
CA PRO A 115 3.63 4.71 24.80
C PRO A 115 3.76 3.67 23.67
N GLN A 116 3.03 3.87 22.58
CA GLN A 116 3.16 2.99 21.42
C GLN A 116 4.56 3.11 20.83
N CYS A 117 5.04 4.32 20.63
CA CYS A 117 6.39 4.53 20.07
C CYS A 117 7.48 3.97 20.96
N GLN A 118 7.34 4.17 22.27
CA GLN A 118 8.35 3.72 23.22
C GLN A 118 8.38 2.18 23.36
N ALA A 119 7.27 1.53 23.01
CA ALA A 119 7.23 0.07 22.89
C ALA A 119 7.60 -0.45 21.48
N GLY A 120 8.04 0.45 20.59
CA GLY A 120 8.42 0.06 19.22
C GLY A 120 7.29 -0.21 18.24
N ARG A 121 6.05 0.10 18.64
CA ARG A 121 4.88 -0.04 17.77
CA ARG A 121 4.89 -0.07 17.75
C ARG A 121 4.63 1.29 17.07
N VAL A 122 5.59 1.73 16.27
CA VAL A 122 5.57 3.09 15.72
C VAL A 122 4.37 3.30 14.80
N ASN A 123 3.85 2.21 14.21
CA ASN A 123 2.68 2.35 13.35
C ASN A 123 1.42 2.69 14.13
N LEU A 124 1.43 2.41 15.44
CA LEU A 124 0.30 2.69 16.31
C LEU A 124 0.50 3.98 17.11
N CYS A 125 1.47 4.79 16.69
CA CYS A 125 1.70 6.10 17.32
C CYS A 125 0.40 6.88 17.52
N ARG A 126 0.14 7.36 18.74
CA ARG A 126 -1.11 8.10 19.00
C ARG A 126 -1.08 9.52 18.43
N ASN A 127 0.11 9.97 18.04
CA ASN A 127 0.33 11.29 17.47
C ASN A 127 0.81 11.22 16.01
N LEU A 128 0.38 10.19 15.29
CA LEU A 128 0.90 9.93 13.92
C LEU A 128 0.55 11.09 13.00
N ARG A 129 1.52 11.52 12.21
CA ARG A 129 1.30 12.52 11.18
C ARG A 129 1.82 11.96 9.85
N ALA A 130 1.03 12.09 8.81
CA ALA A 130 1.41 11.49 7.53
C ALA A 130 1.58 12.57 6.45
N ILE A 131 2.70 12.47 5.73
CA ILE A 131 2.95 13.29 4.55
C ILE A 131 1.84 12.92 3.57
N GLY A 132 1.21 13.95 3.01
CA GLY A 132 0.04 13.76 2.14
C GLY A 132 -1.29 13.71 2.86
N ILE A 133 -1.27 13.87 4.19
CA ILE A 133 -2.48 13.87 4.97
C ILE A 133 -2.52 15.06 5.94
N HIS A 134 -1.54 15.12 6.85
CA HIS A 134 -1.39 16.22 7.81
C HIS A 134 -0.33 17.21 7.38
N ARG A 135 0.51 16.81 6.42
CA ARG A 135 1.59 17.63 5.89
CA ARG A 135 1.60 17.63 5.90
C ARG A 135 1.57 17.53 4.36
N ASP A 136 2.01 18.57 3.68
CA ASP A 136 2.00 18.60 2.20
C ASP A 136 2.80 17.43 1.63
N GLY A 137 2.24 16.78 0.61
CA GLY A 137 2.76 15.54 0.11
C GLY A 137 3.22 15.61 -1.34
N GLY A 138 3.17 14.47 -2.00
CA GLY A 138 3.93 14.26 -3.22
C GLY A 138 3.29 14.61 -4.53
N PHE A 139 2.01 15.03 -4.54
CA PHE A 139 1.39 15.47 -5.80
C PHE A 139 1.78 16.93 -6.03
N ALA A 140 3.07 17.14 -6.22
CA ALA A 140 3.62 18.47 -6.42
C ALA A 140 4.96 18.32 -7.07
N GLU A 141 5.51 19.40 -7.63
CA GLU A 141 6.83 19.31 -8.26
C GLU A 141 7.92 19.02 -7.25
N TYR A 142 7.73 19.48 -6.00
CA TYR A 142 8.68 19.28 -4.91
C TYR A 142 7.90 18.96 -3.63
N VAL A 143 8.57 18.22 -2.75
CA VAL A 143 8.03 17.85 -1.46
C VAL A 143 9.13 17.90 -0.41
N LEU A 144 8.77 18.33 0.80
CA LEU A 144 9.67 18.25 1.96
C LEU A 144 9.58 16.87 2.62
N VAL A 145 10.74 16.28 2.88
CA VAL A 145 10.87 14.95 3.49
C VAL A 145 11.86 15.02 4.64
N PRO A 146 11.37 14.88 5.88
CA PRO A 146 12.30 14.86 6.98
C PRO A 146 13.31 13.75 6.80
N ARG A 147 14.57 14.01 7.14
CA ARG A 147 15.63 13.06 6.88
C ARG A 147 15.29 11.62 7.31
N LYS A 148 14.73 11.48 8.52
CA LYS A 148 14.42 10.15 9.04
C LYS A 148 13.41 9.39 8.20
N GLN A 149 12.65 10.09 7.38
CA GLN A 149 11.63 9.50 6.52
C GLN A 149 12.15 9.18 5.11
N ALA A 150 13.43 9.41 4.86
CA ALA A 150 13.98 9.32 3.49
C ALA A 150 14.84 8.10 3.42
N PHE A 151 14.62 7.30 2.38
CA PHE A 151 15.36 6.07 2.18
C PHE A 151 16.02 6.13 0.83
N GLU A 152 17.35 6.19 0.81
CA GLU A 152 18.05 6.34 -0.46
C GLU A 152 17.92 5.07 -1.27
N ILE A 153 17.76 5.22 -2.58
CA ILE A 153 17.69 4.10 -3.50
C ILE A 153 18.55 4.44 -4.74
N PRO A 154 18.90 3.43 -5.55
CA PRO A 154 19.92 3.69 -6.59
C PRO A 154 19.47 4.60 -7.70
N LEU A 155 20.40 5.43 -8.17
CA LEU A 155 20.20 6.32 -9.29
C LEU A 155 20.05 5.57 -10.63
N THR A 156 20.50 4.32 -10.70
CA THR A 156 20.36 3.50 -11.90
C THR A 156 18.94 2.95 -12.08
N LEU A 157 18.12 3.05 -11.03
CA LEU A 157 16.74 2.58 -11.07
C LEU A 157 15.87 3.35 -12.06
N ASP A 158 14.87 2.67 -12.60
CA ASP A 158 13.77 3.34 -13.30
C ASP A 158 13.26 4.45 -12.36
N PRO A 159 13.15 5.70 -12.86
CA PRO A 159 12.77 6.85 -12.01
C PRO A 159 11.46 6.73 -11.24
N VAL A 160 10.52 5.93 -11.74
CA VAL A 160 9.22 5.83 -11.08
C VAL A 160 9.06 4.65 -10.12
N HIS A 161 10.04 3.73 -10.05
CA HIS A 161 9.86 2.50 -9.29
C HIS A 161 9.79 2.79 -7.80
N GLY A 162 10.52 3.82 -7.37
CA GLY A 162 10.57 4.24 -5.94
C GLY A 162 9.20 4.60 -5.37
N ALA A 163 8.27 5.01 -6.22
CA ALA A 163 6.91 5.32 -5.82
C ALA A 163 6.14 4.11 -5.28
N PHE A 164 6.62 2.90 -5.54
CA PHE A 164 5.96 1.70 -5.04
C PHE A 164 6.45 1.21 -3.68
N CYS A 165 7.43 1.88 -3.10
CA CYS A 165 8.01 1.41 -1.86
C CYS A 165 6.99 1.43 -0.71
N GLU A 166 6.14 2.47 -0.64
CA GLU A 166 5.14 2.57 0.43
CA GLU A 166 5.14 2.56 0.43
C GLU A 166 4.10 1.45 0.34
N PRO A 167 3.44 1.29 -0.83
CA PRO A 167 2.46 0.19 -0.89
C PRO A 167 3.09 -1.18 -0.75
N LEU A 168 4.29 -1.39 -1.29
CA LEU A 168 5.01 -2.64 -1.09
C LEU A 168 5.29 -2.90 0.40
N ALA A 169 5.75 -1.87 1.09
CA ALA A 169 6.05 -1.98 2.52
C ALA A 169 4.81 -2.39 3.34
N CYS A 170 3.65 -1.81 3.02
CA CYS A 170 2.40 -2.15 3.73
CA CYS A 170 2.39 -2.13 3.69
C CYS A 170 2.08 -3.63 3.50
N CYS A 171 2.24 -4.10 2.26
CA CYS A 171 2.01 -5.51 1.94
C CYS A 171 3.05 -6.44 2.57
N LEU A 172 4.30 -6.00 2.65
CA LEU A 172 5.37 -6.80 3.21
C LEU A 172 5.10 -7.01 4.72
N HIS A 173 4.68 -5.96 5.39
CA HIS A 173 4.26 -6.08 6.82
C HIS A 173 3.18 -7.10 7.01
N GLY A 174 2.18 -7.09 6.12
CA GLY A 174 1.12 -8.08 6.14
C GLY A 174 1.61 -9.50 5.92
N VAL A 175 2.47 -9.68 4.91
CA VAL A 175 3.10 -10.98 4.68
C VAL A 175 3.96 -11.47 5.86
N ASP A 176 4.68 -10.56 6.51
CA ASP A 176 5.49 -10.88 7.72
C ASP A 176 4.58 -11.42 8.80
N LEU A 177 3.49 -10.69 9.08
CA LEU A 177 2.51 -11.09 10.10
C LEU A 177 1.86 -12.45 9.79
N SER A 178 1.65 -12.74 8.51
CA SER A 178 0.95 -13.96 8.07
C SER A 178 1.70 -15.26 8.39
N GLY A 179 3.01 -15.19 8.48
CA GLY A 179 3.83 -16.38 8.73
C GLY A 179 4.11 -17.18 7.45
N ILE A 180 3.76 -16.63 6.30
CA ILE A 180 4.10 -17.30 5.03
C ILE A 180 5.57 -17.72 5.02
N LYS A 181 5.82 -18.97 4.67
CA LYS A 181 7.21 -19.43 4.53
CA LYS A 181 7.17 -19.55 4.64
C LYS A 181 7.30 -20.50 3.44
N ALA A 182 8.48 -21.09 3.27
CA ALA A 182 8.70 -22.09 2.20
C ALA A 182 7.68 -23.23 2.30
N GLY A 183 6.91 -23.41 1.23
CA GLY A 183 5.90 -24.44 1.17
C GLY A 183 4.51 -24.02 1.58
N SER A 184 4.31 -22.78 2.01
CA SER A 184 2.95 -22.35 2.39
C SER A 184 1.98 -22.34 1.21
N THR A 185 0.70 -22.53 1.53
CA THR A 185 -0.39 -22.31 0.59
C THR A 185 -1.16 -21.06 1.03
N VAL A 186 -1.54 -20.26 0.02
CA VAL A 186 -2.02 -18.89 0.22
C VAL A 186 -3.19 -18.57 -0.69
N ALA A 187 -4.21 -17.95 -0.12
CA ALA A 187 -5.31 -17.36 -0.89
C ALA A 187 -5.35 -15.87 -0.64
N ILE A 188 -5.41 -15.11 -1.74
CA ILE A 188 -5.47 -13.63 -1.69
C ILE A 188 -6.81 -13.18 -2.28
N LEU A 189 -7.56 -12.43 -1.47
CA LEU A 189 -8.89 -11.97 -1.83
C LEU A 189 -8.86 -10.49 -2.24
N GLY A 190 -9.01 -10.23 -3.53
CA GLY A 190 -9.01 -8.85 -4.05
C GLY A 190 -7.98 -8.72 -5.14
N GLY A 191 -8.34 -8.06 -6.24
CA GLY A 191 -7.45 -7.93 -7.39
C GLY A 191 -6.89 -6.54 -7.61
N GLY A 192 -6.93 -5.69 -6.57
CA GLY A 192 -6.28 -4.38 -6.64
C GLY A 192 -4.78 -4.49 -6.58
N VAL A 193 -4.10 -3.35 -6.63
CA VAL A 193 -2.65 -3.33 -6.48
C VAL A 193 -2.18 -4.01 -5.19
N ILE A 194 -2.95 -3.90 -4.11
CA ILE A 194 -2.56 -4.54 -2.86
C ILE A 194 -2.57 -6.07 -3.00
N GLY A 195 -3.63 -6.60 -3.60
CA GLY A 195 -3.73 -8.04 -3.86
C GLY A 195 -2.58 -8.53 -4.72
N LEU A 196 -2.28 -7.76 -5.77
CA LEU A 196 -1.27 -8.15 -6.74
C LEU A 196 0.15 -8.06 -6.18
N LEU A 197 0.45 -7.02 -5.42
CA LEU A 197 1.75 -6.94 -4.76
C LEU A 197 1.92 -8.06 -3.72
N THR A 198 0.83 -8.39 -3.04
CA THR A 198 0.84 -9.47 -2.03
C THR A 198 1.03 -10.85 -2.71
N VAL A 199 0.48 -11.03 -3.91
CA VAL A 199 0.77 -12.24 -4.70
C VAL A 199 2.27 -12.38 -4.88
N GLN A 200 2.93 -11.31 -5.27
CA GLN A 200 4.35 -11.33 -5.52
C GLN A 200 5.18 -11.57 -4.28
N LEU A 201 4.77 -10.94 -3.18
CA LEU A 201 5.47 -11.13 -1.91
C LEU A 201 5.23 -12.53 -1.33
N ALA A 202 4.02 -13.08 -1.48
CA ALA A 202 3.75 -14.46 -1.07
C ALA A 202 4.69 -15.43 -1.74
N ARG A 203 4.87 -15.29 -3.07
CA ARG A 203 5.78 -16.15 -3.80
C ARG A 203 7.21 -15.95 -3.35
N LEU A 204 7.64 -14.70 -3.19
CA LEU A 204 9.00 -14.39 -2.77
C LEU A 204 9.28 -15.00 -1.39
N ALA A 205 8.26 -15.01 -0.53
CA ALA A 205 8.41 -15.51 0.85
C ALA A 205 8.35 -17.06 0.93
N GLY A 206 8.04 -17.70 -0.19
CA GLY A 206 8.19 -19.13 -0.30
C GLY A 206 6.93 -19.91 -0.54
N ALA A 207 5.79 -19.24 -0.60
CA ALA A 207 4.55 -19.93 -0.84
C ALA A 207 4.62 -20.62 -2.20
N THR A 208 4.24 -21.89 -2.24
CA THR A 208 4.24 -22.67 -3.49
C THR A 208 2.86 -22.80 -4.14
N THR A 209 1.81 -22.46 -3.40
CA THR A 209 0.47 -22.24 -3.98
C THR A 209 0.03 -20.84 -3.60
N VAL A 210 -0.26 -20.02 -4.61
CA VAL A 210 -0.74 -18.65 -4.40
C VAL A 210 -1.94 -18.42 -5.31
N ILE A 211 -3.11 -18.38 -4.69
CA ILE A 211 -4.37 -18.24 -5.41
C ILE A 211 -4.94 -16.84 -5.20
N LEU A 212 -5.26 -16.15 -6.28
CA LEU A 212 -5.92 -14.84 -6.19
C LEU A 212 -7.36 -14.94 -6.67
N SER A 213 -8.27 -14.44 -5.85
CA SER A 213 -9.71 -14.38 -6.22
C SER A 213 -10.12 -12.95 -6.59
N THR A 214 -10.65 -12.77 -7.80
CA THR A 214 -11.21 -11.49 -8.20
C THR A 214 -12.19 -11.69 -9.35
N ARG A 215 -13.28 -10.92 -9.36
CA ARG A 215 -14.24 -10.93 -10.48
C ARG A 215 -13.69 -10.35 -11.79
N GLN A 216 -12.64 -9.54 -11.71
CA GLN A 216 -12.08 -8.89 -12.92
C GLN A 216 -11.14 -9.80 -13.69
N ALA A 217 -11.52 -10.19 -14.91
CA ALA A 217 -10.65 -10.97 -15.78
C ALA A 217 -9.25 -10.38 -15.93
N THR A 218 -9.18 -9.07 -16.09
CA THR A 218 -7.90 -8.41 -16.35
C THR A 218 -6.97 -8.59 -15.16
N LYS A 219 -7.54 -8.58 -13.96
CA LYS A 219 -6.73 -8.74 -12.74
C LYS A 219 -6.30 -10.19 -12.49
N ARG A 220 -7.13 -11.14 -12.87
CA ARG A 220 -6.73 -12.55 -12.80
C ARG A 220 -5.55 -12.81 -13.75
N ARG A 221 -5.62 -12.28 -14.98
CA ARG A 221 -4.54 -12.44 -15.95
CA ARG A 221 -4.54 -12.50 -15.92
C ARG A 221 -3.25 -11.85 -15.45
N LEU A 222 -3.32 -10.63 -14.90
CA LEU A 222 -2.17 -9.96 -14.34
C LEU A 222 -1.59 -10.74 -13.13
N ALA A 223 -2.47 -11.23 -12.26
CA ALA A 223 -2.04 -12.04 -11.10
C ALA A 223 -1.17 -13.22 -11.57
N GLU A 224 -1.59 -13.89 -12.63
CA GLU A 224 -0.83 -15.02 -13.19
C GLU A 224 0.48 -14.62 -13.84
N GLU A 225 0.56 -13.40 -14.38
CA GLU A 225 1.85 -12.90 -14.88
C GLU A 225 2.86 -12.58 -13.79
N VAL A 226 2.37 -12.33 -12.58
CA VAL A 226 3.29 -11.90 -11.51
C VAL A 226 3.40 -12.90 -10.36
N GLY A 227 2.86 -14.09 -10.54
CA GLY A 227 3.20 -15.20 -9.65
C GLY A 227 2.08 -16.04 -9.09
N ALA A 228 0.83 -15.68 -9.33
CA ALA A 228 -0.26 -16.48 -8.85
C ALA A 228 -0.19 -17.83 -9.55
N THR A 229 -0.34 -18.90 -8.78
CA THR A 229 -0.30 -20.26 -9.36
C THR A 229 -1.68 -20.64 -9.87
N ALA A 230 -2.71 -19.96 -9.37
CA ALA A 230 -4.08 -20.13 -9.86
C ALA A 230 -4.88 -18.88 -9.56
N THR A 231 -5.99 -18.72 -10.26
CA THR A 231 -6.95 -17.68 -9.92
C THR A 231 -8.36 -18.23 -9.96
N VAL A 232 -9.23 -17.60 -9.20
CA VAL A 232 -10.65 -17.95 -9.14
C VAL A 232 -11.50 -16.71 -9.36
N ASP A 233 -12.67 -16.94 -9.95
CA ASP A 233 -13.64 -15.91 -10.25
C ASP A 233 -14.85 -16.16 -9.38
N PRO A 234 -15.13 -15.25 -8.43
CA PRO A 234 -16.30 -15.37 -7.54
C PRO A 234 -17.66 -15.32 -8.26
N SER A 235 -17.69 -14.85 -9.50
CA SER A 235 -18.92 -14.87 -10.32
C SER A 235 -19.25 -16.27 -10.79
N ALA A 236 -18.23 -17.10 -10.96
CA ALA A 236 -18.39 -18.43 -11.52
C ALA A 236 -18.88 -19.43 -10.48
N GLY A 237 -18.85 -19.06 -9.20
CA GLY A 237 -19.28 -19.97 -8.14
C GLY A 237 -18.67 -19.63 -6.79
N ASP A 238 -19.19 -20.31 -5.76
CA ASP A 238 -18.77 -20.09 -4.39
CA ASP A 238 -18.77 -20.09 -4.38
C ASP A 238 -17.26 -20.31 -4.25
N VAL A 239 -16.55 -19.25 -3.85
CA VAL A 239 -15.10 -19.27 -3.74
C VAL A 239 -14.59 -20.20 -2.65
N VAL A 240 -15.33 -20.31 -1.54
CA VAL A 240 -14.95 -21.23 -0.46
C VAL A 240 -14.90 -22.66 -1.00
N GLU A 241 -15.91 -23.06 -1.76
CA GLU A 241 -15.90 -24.39 -2.36
C GLU A 241 -14.81 -24.54 -3.43
N ALA A 242 -14.66 -23.54 -4.30
CA ALA A 242 -13.66 -23.59 -5.35
C ALA A 242 -12.23 -23.70 -4.81
N ILE A 243 -11.95 -23.08 -3.66
CA ILE A 243 -10.58 -23.14 -3.09
C ILE A 243 -10.41 -24.27 -2.10
N ALA A 244 -11.25 -24.29 -1.06
CA ALA A 244 -11.05 -25.15 0.11
C ALA A 244 -11.95 -26.37 0.16
N GLY A 245 -12.88 -26.48 -0.78
CA GLY A 245 -13.82 -27.61 -0.83
C GLY A 245 -13.20 -28.94 -1.22
N PRO A 246 -13.99 -30.03 -1.07
CA PRO A 246 -13.49 -31.39 -1.35
C PRO A 246 -12.88 -31.58 -2.74
N VAL A 247 -13.40 -30.90 -3.75
CA VAL A 247 -12.80 -30.94 -5.08
C VAL A 247 -12.29 -29.55 -5.45
N GLY A 248 -11.90 -28.77 -4.46
CA GLY A 248 -11.32 -27.43 -4.69
C GLY A 248 -9.83 -27.47 -4.99
N LEU A 249 -9.21 -26.28 -5.12
CA LEU A 249 -7.80 -26.21 -5.48
C LEU A 249 -6.90 -26.75 -4.37
N VAL A 250 -7.31 -26.49 -3.14
CA VAL A 250 -6.54 -26.87 -1.95
C VAL A 250 -7.55 -27.44 -0.92
N PRO A 251 -8.00 -28.69 -1.15
CA PRO A 251 -9.00 -29.27 -0.30
C PRO A 251 -8.61 -29.20 1.17
N GLY A 252 -9.54 -28.73 1.99
CA GLY A 252 -9.29 -28.58 3.43
C GLY A 252 -8.80 -27.20 3.85
N GLY A 253 -8.41 -26.37 2.87
CA GLY A 253 -8.05 -24.98 3.12
C GLY A 253 -6.59 -24.66 2.98
N VAL A 254 -6.29 -23.37 2.91
CA VAL A 254 -4.92 -22.89 2.78
C VAL A 254 -4.31 -22.50 4.14
N ASP A 255 -2.99 -22.44 4.20
CA ASP A 255 -2.26 -21.96 5.42
C ASP A 255 -2.59 -20.50 5.78
N VAL A 256 -2.67 -19.68 4.74
CA VAL A 256 -2.78 -18.24 4.90
C VAL A 256 -3.80 -17.63 3.94
N VAL A 257 -4.73 -16.88 4.51
CA VAL A 257 -5.67 -16.07 3.74
C VAL A 257 -5.39 -14.61 4.03
N ILE A 258 -5.16 -13.83 2.97
CA ILE A 258 -4.96 -12.38 3.10
C ILE A 258 -6.09 -11.65 2.38
N GLU A 259 -6.93 -10.99 3.17
CA GLU A 259 -8.05 -10.23 2.64
C GLU A 259 -7.54 -8.85 2.28
N CYS A 260 -7.59 -8.55 0.98
CA CYS A 260 -7.01 -7.30 0.46
C CYS A 260 -8.06 -6.31 -0.07
N ALA A 261 -9.29 -6.77 -0.30
CA ALA A 261 -10.36 -5.98 -0.92
C ALA A 261 -11.00 -4.98 0.03
N GLY A 262 -11.00 -5.29 1.33
CA GLY A 262 -11.75 -4.52 2.29
C GLY A 262 -13.25 -4.58 2.02
N VAL A 263 -13.77 -5.79 1.78
CA VAL A 263 -15.16 -6.02 1.41
C VAL A 263 -15.76 -7.04 2.38
N ALA A 264 -17.00 -6.82 2.78
CA ALA A 264 -17.59 -7.62 3.86
C ALA A 264 -17.66 -9.12 3.52
N GLU A 265 -18.04 -9.44 2.28
CA GLU A 265 -18.21 -10.84 1.87
C GLU A 265 -16.92 -11.64 2.01
N THR A 266 -15.82 -11.05 1.57
CA THR A 266 -14.54 -11.75 1.57
C THR A 266 -13.90 -11.80 2.97
N VAL A 267 -14.06 -10.75 3.76
CA VAL A 267 -13.69 -10.82 5.20
C VAL A 267 -14.44 -12.00 5.84
N LYS A 268 -15.74 -12.08 5.59
CA LYS A 268 -16.58 -13.14 6.17
C LYS A 268 -16.15 -14.56 5.75
N GLN A 269 -15.79 -14.74 4.48
CA GLN A 269 -15.38 -16.04 3.98
C GLN A 269 -13.98 -16.47 4.40
N SER A 270 -13.14 -15.51 4.79
CA SER A 270 -11.70 -15.75 4.99
CA SER A 270 -11.70 -15.75 5.00
C SER A 270 -11.41 -16.92 5.94
N THR A 271 -12.07 -16.95 7.11
CA THR A 271 -11.81 -18.07 8.03
C THR A 271 -12.17 -19.45 7.47
N ARG A 272 -13.22 -19.51 6.67
CA ARG A 272 -13.65 -20.79 6.08
C ARG A 272 -12.73 -21.24 4.95
N LEU A 273 -11.96 -20.31 4.40
CA LEU A 273 -10.91 -20.62 3.42
C LEU A 273 -9.63 -21.17 4.06
N ALA A 274 -9.41 -20.88 5.33
CA ALA A 274 -8.19 -21.29 6.02
C ALA A 274 -8.32 -22.74 6.53
N LYS A 275 -7.23 -23.47 6.49
CA LYS A 275 -7.16 -24.82 7.06
C LYS A 275 -7.15 -24.65 8.56
N ALA A 276 -7.33 -25.75 9.26
CA ALA A 276 -7.25 -25.73 10.72
C ALA A 276 -5.82 -25.33 11.08
N GLY A 277 -5.69 -24.44 12.07
CA GLY A 277 -4.39 -23.96 12.46
C GLY A 277 -3.90 -22.81 11.59
N GLY A 278 -4.73 -22.34 10.65
CA GLY A 278 -4.35 -21.33 9.69
C GLY A 278 -4.52 -19.89 10.15
N THR A 279 -4.14 -18.98 9.27
CA THR A 279 -4.03 -17.55 9.57
C THR A 279 -4.80 -16.72 8.55
N VAL A 280 -5.62 -15.81 9.05
CA VAL A 280 -6.25 -14.77 8.23
C VAL A 280 -5.59 -13.42 8.52
N VAL A 281 -5.14 -12.71 7.49
CA VAL A 281 -4.67 -11.33 7.67
C VAL A 281 -5.68 -10.33 7.06
N ILE A 282 -6.12 -9.38 7.87
CA ILE A 282 -7.03 -8.30 7.47
C ILE A 282 -6.15 -7.12 7.03
N LEU A 283 -5.95 -7.01 5.71
CA LEU A 283 -5.11 -5.99 5.14
C LEU A 283 -5.95 -4.91 4.46
N GLY A 284 -7.13 -5.28 3.96
CA GLY A 284 -8.07 -4.36 3.34
C GLY A 284 -8.96 -3.60 4.32
N VAL A 285 -9.19 -2.32 4.04
CA VAL A 285 -9.97 -1.42 4.89
C VAL A 285 -11.47 -1.50 4.58
N LEU A 286 -12.22 -2.07 5.51
CA LEU A 286 -13.67 -2.04 5.48
C LEU A 286 -14.11 -0.73 6.17
N PRO A 287 -15.22 -0.12 5.71
CA PRO A 287 -15.68 1.10 6.32
C PRO A 287 -15.78 1.04 7.86
N GLN A 288 -15.35 2.11 8.51
CA GLN A 288 -15.47 2.23 9.96
C GLN A 288 -16.90 1.97 10.42
N GLY A 289 -17.05 1.26 11.53
CA GLY A 289 -18.35 0.96 12.08
C GLY A 289 -19.03 -0.25 11.46
N GLU A 290 -18.60 -0.66 10.25
CA GLU A 290 -19.25 -1.78 9.60
C GLU A 290 -18.89 -3.10 10.29
N LYS A 291 -19.88 -3.97 10.43
CA LYS A 291 -19.72 -5.22 11.18
C LYS A 291 -19.81 -6.46 10.31
N VAL A 292 -19.06 -7.48 10.69
CA VAL A 292 -19.03 -8.77 10.02
C VAL A 292 -19.11 -9.87 11.08
N GLU A 293 -19.83 -10.93 10.77
CA GLU A 293 -19.97 -12.06 11.68
C GLU A 293 -18.78 -13.01 11.65
N ILE A 294 -18.31 -13.38 12.85
CA ILE A 294 -17.42 -14.51 13.01
C ILE A 294 -18.16 -15.60 13.76
N GLU A 295 -17.60 -16.81 13.72
CA GLU A 295 -18.06 -17.95 14.50
C GLU A 295 -16.99 -18.34 15.53
N PRO A 296 -17.12 -17.85 16.77
CA PRO A 296 -16.08 -18.12 17.76
C PRO A 296 -15.82 -19.61 18.01
N PHE A 297 -16.83 -20.44 17.87
CA PHE A 297 -16.63 -21.89 17.94
C PHE A 297 -15.57 -22.37 16.96
N ASP A 298 -15.62 -21.88 15.72
CA ASP A 298 -14.72 -22.36 14.68
C ASP A 298 -13.29 -21.82 14.90
N ILE A 299 -13.19 -20.56 15.29
CA ILE A 299 -11.90 -19.95 15.61
C ILE A 299 -11.16 -20.74 16.69
N LEU A 300 -11.91 -21.20 17.70
CA LEU A 300 -11.34 -21.98 18.79
C LEU A 300 -11.00 -23.40 18.35
N PHE A 301 -12.01 -24.15 17.86
CA PHE A 301 -11.81 -25.56 17.56
C PHE A 301 -10.84 -25.81 16.42
N ARG A 302 -10.70 -24.85 15.52
CA ARG A 302 -9.72 -24.97 14.44
C ARG A 302 -8.49 -24.08 14.68
N GLU A 303 -8.37 -23.58 15.92
CA GLU A 303 -7.24 -22.77 16.34
C GLU A 303 -6.72 -21.78 15.27
N LEU A 304 -7.63 -20.92 14.83
CA LEU A 304 -7.31 -19.90 13.83
C LEU A 304 -6.67 -18.67 14.44
N ARG A 305 -5.92 -17.94 13.62
CA ARG A 305 -5.43 -16.61 13.93
C ARG A 305 -6.07 -15.61 12.97
N VAL A 306 -6.62 -14.54 13.54
CA VAL A 306 -7.12 -13.42 12.78
C VAL A 306 -6.32 -12.17 13.17
N LEU A 307 -5.58 -11.64 12.18
CA LEU A 307 -4.60 -10.59 12.43
C LEU A 307 -4.83 -9.33 11.59
N GLY A 308 -4.96 -8.18 12.26
CA GLY A 308 -4.94 -6.89 11.60
C GLY A 308 -3.54 -6.50 11.17
N SER A 309 -3.41 -5.85 10.00
CA SER A 309 -2.11 -5.36 9.53
C SER A 309 -2.21 -3.88 9.20
N PHE A 310 -1.42 -3.06 9.89
CA PHE A 310 -1.51 -1.61 9.71
C PHE A 310 -0.19 -0.98 9.31
N ILE A 311 -0.22 -0.38 8.12
CA ILE A 311 0.88 0.32 7.46
C ILE A 311 2.23 -0.36 7.61
N ASN A 312 3.30 0.41 7.85
CA ASN A 312 4.64 -0.04 7.46
C ASN A 312 5.75 0.04 8.53
N PRO A 313 5.57 -0.55 9.73
CA PRO A 313 6.58 -0.36 10.75
C PRO A 313 7.87 -1.14 10.49
N PHE A 314 8.99 -0.43 10.40
CA PHE A 314 10.32 -1.04 10.22
C PHE A 314 10.51 -1.90 8.98
N VAL A 315 9.67 -1.70 7.96
CA VAL A 315 9.80 -2.48 6.71
C VAL A 315 10.15 -1.63 5.49
N HIS A 316 10.26 -0.31 5.63
CA HIS A 316 10.46 0.52 4.44
C HIS A 316 11.78 0.26 3.77
N ARG A 317 12.84 0.07 4.57
CA ARG A 317 14.15 -0.27 4.01
C ARG A 317 14.13 -1.59 3.26
N ARG A 318 13.54 -2.65 3.84
CA ARG A 318 13.43 -3.92 3.11
C ARG A 318 12.65 -3.73 1.81
N ALA A 319 11.55 -3.00 1.87
CA ALA A 319 10.75 -2.76 0.66
C ALA A 319 11.58 -2.01 -0.39
N ALA A 320 12.27 -0.96 0.02
CA ALA A 320 13.13 -0.20 -0.87
C ALA A 320 14.22 -1.08 -1.48
N ASP A 321 14.78 -1.97 -0.66
CA ASP A 321 15.78 -2.95 -1.14
C ASP A 321 15.20 -3.90 -2.16
N LEU A 322 14.00 -4.42 -1.91
CA LEU A 322 13.35 -5.32 -2.88
C LEU A 322 13.16 -4.61 -4.23
N VAL A 323 12.78 -3.34 -4.19
CA VAL A 323 12.59 -2.55 -5.41
C VAL A 323 13.96 -2.34 -6.09
N ALA A 324 14.96 -1.99 -5.29
CA ALA A 324 16.34 -1.75 -5.76
C ALA A 324 16.96 -2.94 -6.46
N THR A 325 16.71 -4.15 -5.97
CA THR A 325 17.29 -5.34 -6.58
C THR A 325 16.41 -5.94 -7.69
N GLY A 326 15.27 -5.32 -8.02
CA GLY A 326 14.36 -5.86 -9.02
C GLY A 326 13.66 -7.18 -8.67
N ALA A 327 13.44 -7.43 -7.37
CA ALA A 327 12.82 -8.67 -6.92
C ALA A 327 11.32 -8.69 -7.18
N ILE A 328 10.76 -7.51 -7.41
CA ILE A 328 9.33 -7.32 -7.60
C ILE A 328 9.08 -6.74 -8.99
N GLU A 329 8.04 -7.21 -9.66
CA GLU A 329 7.61 -6.65 -10.94
C GLU A 329 6.78 -5.40 -10.67
N ILE A 330 7.28 -4.25 -11.15
CA ILE A 330 6.63 -2.98 -10.90
C ILE A 330 5.95 -2.45 -12.15
N ASP A 331 6.61 -2.59 -13.30
CA ASP A 331 6.09 -1.99 -14.51
C ASP A 331 4.65 -2.45 -14.83
N ARG A 332 4.36 -3.75 -14.65
CA ARG A 332 3.02 -4.29 -14.90
C ARG A 332 1.93 -3.77 -13.95
N MSE A 333 2.35 -3.17 -12.83
CA MSE A 333 1.42 -2.61 -11.87
C MSE A 333 0.99 -1.20 -12.25
O MSE A 333 0.04 -0.69 -11.67
CB MSE A 333 2.08 -2.54 -10.49
CG MSE A 333 2.68 -3.85 -9.99
SE MSE A 333 1.30 -5.15 -9.43
CE MSE A 333 1.24 -6.12 -11.16
N ILE A 334 1.69 -0.57 -13.18
CA ILE A 334 1.36 0.80 -13.59
C ILE A 334 0.34 0.80 -14.73
N SER A 335 -0.88 1.21 -14.43
CA SER A 335 -1.96 1.23 -15.43
C SER A 335 -2.04 2.55 -16.20
N ARG A 336 -1.54 3.63 -15.61
CA ARG A 336 -1.63 4.94 -16.23
C ARG A 336 -0.64 5.90 -15.60
N ARG A 337 -0.12 6.81 -16.44
CA ARG A 337 0.75 7.89 -15.98
C ARG A 337 0.14 9.22 -16.36
N ILE A 338 -0.14 10.05 -15.36
CA ILE A 338 -0.87 11.31 -15.56
C ILE A 338 -0.09 12.55 -15.05
N SER A 339 -0.52 13.73 -15.51
CA SER A 339 0.05 14.97 -15.05
C SER A 339 -0.62 15.44 -13.76
N LEU A 340 -0.01 16.43 -13.12
CA LEU A 340 -0.64 17.09 -11.98
C LEU A 340 -2.04 17.64 -12.35
N ASP A 341 -2.18 18.23 -13.54
CA ASP A 341 -3.47 18.81 -13.97
C ASP A 341 -4.57 17.76 -14.10
N GLU A 342 -4.21 16.53 -14.41
CA GLU A 342 -5.18 15.44 -14.56
C GLU A 342 -5.57 14.77 -13.24
N ALA A 343 -4.77 14.97 -12.19
CA ALA A 343 -4.98 14.27 -10.92
C ALA A 343 -6.32 14.53 -10.23
N PRO A 344 -6.77 15.80 -10.16
CA PRO A 344 -8.02 16.04 -9.42
C PRO A 344 -9.20 15.27 -9.94
N ASP A 345 -9.34 15.21 -11.26
CA ASP A 345 -10.42 14.44 -11.89
C ASP A 345 -10.33 12.94 -11.61
N VAL A 346 -9.11 12.40 -11.69
CA VAL A 346 -8.90 10.96 -11.41
C VAL A 346 -9.21 10.70 -9.94
N ILE A 347 -8.74 11.56 -9.05
CA ILE A 347 -9.04 11.36 -7.63
C ILE A 347 -10.55 11.56 -7.30
N SER A 348 -11.19 12.52 -7.97
CA SER A 348 -12.62 12.84 -7.72
C SER A 348 -13.63 11.81 -8.26
N ASN A 349 -13.17 10.94 -9.15
CA ASN A 349 -14.01 9.89 -9.71
C ASN A 349 -13.58 8.51 -9.25
N PRO A 350 -14.51 7.53 -9.26
CA PRO A 350 -14.15 6.17 -8.84
C PRO A 350 -13.04 5.57 -9.69
N ALA A 351 -12.31 4.62 -9.10
CA ALA A 351 -11.25 3.93 -9.85
C ALA A 351 -11.82 3.28 -11.09
N ALA A 352 -11.16 3.45 -12.23
CA ALA A 352 -11.59 2.81 -13.49
C ALA A 352 -11.43 1.30 -13.42
N ALA A 353 -12.11 0.59 -14.34
CA ALA A 353 -12.17 -0.88 -14.35
C ALA A 353 -10.80 -1.57 -14.34
N GLY A 354 -9.94 -1.21 -15.30
CA GLY A 354 -8.60 -1.79 -15.45
C GLY A 354 -7.50 -1.08 -14.66
N GLU A 355 -7.90 -0.28 -13.69
CA GLU A 355 -6.98 0.48 -12.89
C GLU A 355 -6.26 -0.43 -11.90
N VAL A 356 -4.93 -0.35 -11.91
CA VAL A 356 -4.09 -1.03 -10.93
C VAL A 356 -3.43 0.07 -10.07
N LYS A 357 -2.40 0.73 -10.61
CA LYS A 357 -1.84 1.92 -9.97
C LYS A 357 -1.72 3.02 -11.00
N VAL A 358 -2.33 4.17 -10.69
CA VAL A 358 -2.11 5.38 -11.46
C VAL A 358 -0.98 6.17 -10.82
N LEU A 359 0.01 6.55 -11.64
CA LEU A 359 1.11 7.39 -11.22
C LEU A 359 0.96 8.82 -11.72
N VAL A 360 1.13 9.77 -10.80
CA VAL A 360 1.16 11.20 -11.10
C VAL A 360 2.63 11.54 -11.32
N ILE A 361 2.96 12.01 -12.53
CA ILE A 361 4.33 12.35 -12.91
C ILE A 361 4.42 13.89 -13.04
N PRO A 362 5.04 14.57 -12.08
CA PRO A 362 4.98 16.03 -12.16
C PRO A 362 5.61 16.66 -13.42
N SER A 363 6.59 16.00 -14.04
CA SER A 363 6.99 16.37 -15.41
C SER A 363 7.43 15.17 -16.26
C1 EDO B . 11.65 4.00 9.84
O1 EDO B . 11.49 2.62 9.57
C2 EDO B . 10.70 4.75 8.90
O2 EDO B . 10.92 6.17 8.94
C1 EDO C . -17.87 -25.10 13.22
O1 EDO C . -18.94 -24.87 12.31
C2 EDO C . -16.74 -25.84 12.52
O2 EDO C . -15.56 -25.78 13.33
C1 EDO D . -9.31 -15.26 -17.48
O1 EDO D . -10.73 -15.42 -17.47
C2 EDO D . -8.74 -15.62 -16.11
O2 EDO D . -7.33 -15.93 -16.19
C1 EDO E . -13.17 4.38 4.79
O1 EDO E . -13.89 3.25 4.28
C2 EDO E . -12.87 4.17 6.27
O2 EDO E . -14.04 4.29 7.08
C1 EDO F . 12.38 12.20 -14.12
O1 EDO F . 11.31 11.27 -14.32
C2 EDO F . 13.72 11.48 -14.27
O2 EDO F . 14.48 11.51 -13.05
C1 EDO G . 7.92 -13.53 -7.34
O1 EDO G . 7.63 -12.58 -6.32
C2 EDO G . 6.86 -13.39 -8.41
O2 EDO G . 5.89 -14.40 -8.31
C1 EDO H . -13.60 -7.92 -7.11
O1 EDO H . -14.00 -9.28 -7.11
C2 EDO H . -12.38 -7.72 -6.20
O2 EDO H . -11.16 -7.46 -6.93
C1 EDO I . -0.40 22.42 6.23
O1 EDO I . -0.33 21.87 4.91
C2 EDO I . -1.64 21.91 6.97
O2 EDO I . -1.85 20.52 6.68
C1 EDO J . -10.01 -28.65 8.77
O1 EDO J . -10.58 -27.36 8.67
C2 EDO J . -9.11 -28.94 7.57
O2 EDO J . -7.88 -28.19 7.70
C1 EDO K . -3.66 -7.32 -18.06
O1 EDO K . -4.84 -8.03 -17.69
C2 EDO K . -2.49 -8.30 -18.05
O2 EDO K . -1.26 -7.60 -18.25
C1 EDO L . -1.01 -2.53 -16.54
O1 EDO L . -0.83 -3.92 -16.34
C2 EDO L . -0.10 -2.02 -17.66
O2 EDO L . 1.27 -1.89 -17.25
C1 EDO M . -15.91 -25.88 2.38
O1 EDO M . -16.13 -27.25 2.07
C2 EDO M . -14.68 -25.74 3.26
O2 EDO M . -14.86 -26.47 4.47
C1 EDO N . -4.67 3.60 17.71
O1 EDO N . -4.89 3.14 16.36
C2 EDO N . -3.20 3.97 17.85
O2 EDO N . -2.82 4.24 19.22
C1 EDO O . -6.83 20.77 -12.88
O1 EDO O . -5.92 21.14 -13.91
C2 EDO O . -7.19 22.01 -12.09
O2 EDO O . -7.62 21.67 -10.77
C1 EDO P . -15.47 -24.98 8.72
O1 EDO P . -14.56 -25.45 7.70
C2 EDO P . -15.72 -23.48 8.50
O2 EDO P . -16.96 -23.04 9.06
C1 EDO Q . -0.84 -28.12 8.77
O1 EDO Q . -0.04 -27.47 7.78
C2 EDO Q . -1.16 -29.51 8.25
O2 EDO Q . -1.78 -29.45 6.95
C1 EDO R . 22.70 3.88 -2.93
O1 EDO R . 23.04 4.21 -4.28
C2 EDO R . 21.26 3.35 -2.91
O2 EDO R . 21.05 2.49 -1.81
ZN ZN S . 4.14 8.20 19.05
CL CL T . -6.85 -5.57 -3.64
#